data_3BIB
#
_entry.id   3BIB
#
_cell.length_a   66.260
_cell.length_b   66.260
_cell.length_c   139.390
_cell.angle_alpha   90.00
_cell.angle_beta   90.00
_cell.angle_gamma   120.00
#
_symmetry.space_group_name_H-M   'P 63 2 2'
#
loop_
_entity.id
_entity.type
_entity.pdbx_description
1 polymer 'T-cell immunoglobulin and mucin domain-containing protein 4'
2 non-polymer 'SODIUM ION'
3 non-polymer 1,2-DICAPROYL-SN-PHOSPHATIDYL-L-SERINE
4 water water
#
_entity_poly.entity_id   1
_entity_poly.type   'polypeptide(L)'
_entity_poly.pdbx_seq_one_letter_code
;MSEDTIIGFLGQPVTLPCHYLSWSQSRNSMCWGKGSCPNSKCNAELLRTDGTRIISRKSTKYTLLGKVQFGEVSLTISNT
NRGDSGVYCCRIEVPGWFNDVKKNVRLELRRALVPR
;
_entity_poly.pdbx_strand_id   X
#
# COMPACT_ATOMS: atom_id res chain seq x y z
N ASP A 4 7.10 -4.95 10.61
CA ASP A 4 5.78 -5.63 10.47
C ASP A 4 5.81 -6.80 9.50
N THR A 5 5.47 -7.99 10.01
CA THR A 5 5.17 -9.13 9.14
C THR A 5 3.69 -9.47 9.21
N ILE A 6 3.05 -9.53 8.04
CA ILE A 6 1.68 -10.00 7.94
C ILE A 6 1.71 -11.43 7.44
N ILE A 7 0.96 -12.30 8.11
CA ILE A 7 0.80 -13.69 7.66
C ILE A 7 -0.60 -13.88 7.08
N GLY A 8 -0.68 -14.46 5.89
CA GLY A 8 -1.96 -14.71 5.24
C GLY A 8 -2.01 -16.09 4.64
N PHE A 9 -3.20 -16.48 4.18
CA PHE A 9 -3.38 -17.79 3.52
C PHE A 9 -3.37 -17.65 2.02
N LEU A 10 -2.74 -18.62 1.36
CA LEU A 10 -2.78 -18.73 -0.10
C LEU A 10 -4.21 -18.96 -0.58
N GLY A 11 -4.58 -18.31 -1.67
CA GLY A 11 -5.92 -18.42 -2.24
C GLY A 11 -6.92 -17.46 -1.59
N GLN A 12 -6.47 -16.78 -0.53
CA GLN A 12 -7.29 -15.84 0.25
C GLN A 12 -6.70 -14.42 0.17
N PRO A 13 -7.54 -13.40 0.44
CA PRO A 13 -7.03 -12.04 0.48
C PRO A 13 -6.16 -11.74 1.70
N VAL A 14 -5.36 -10.68 1.60
CA VAL A 14 -4.65 -10.12 2.76
C VAL A 14 -4.81 -8.60 2.76
N THR A 15 -4.66 -8.01 3.94
CA THR A 15 -4.64 -6.56 4.09
C THR A 15 -3.33 -6.15 4.76
N LEU A 16 -2.56 -5.34 4.06
CA LEU A 16 -1.31 -4.81 4.60
C LEU A 16 -1.60 -3.44 5.16
N PRO A 17 -1.41 -3.26 6.48
CA PRO A 17 -1.86 -2.05 7.20
C PRO A 17 -1.02 -0.81 6.90
N CYS A 18 -1.68 0.31 6.66
CA CYS A 18 -1.00 1.57 6.47
C CYS A 18 -1.97 2.70 6.79
N HIS A 19 -1.62 3.53 7.78
CA HIS A 19 -2.51 4.60 8.23
C HIS A 19 -1.79 5.93 8.33
N TYR A 20 -2.44 6.98 7.83
CA TYR A 20 -1.95 8.33 8.03
C TYR A 20 -3.05 9.17 8.67
N LEU A 21 -3.01 9.22 10.00
CA LEU A 21 -4.04 9.82 10.82
C LEU A 21 -4.40 11.24 10.41
N SER A 22 -3.39 12.08 10.20
CA SER A 22 -3.63 13.49 9.85
C SER A 22 -3.67 13.75 8.34
N TRP A 23 -4.24 12.81 7.59
CA TRP A 23 -4.41 12.96 6.15
C TRP A 23 -5.21 14.20 5.81
N SER A 24 -4.77 14.89 4.76
CA SER A 24 -5.46 16.06 4.25
C SER A 24 -5.70 15.88 2.75
N GLN A 25 -6.96 15.94 2.35
CA GLN A 25 -7.37 15.75 0.95
C GLN A 25 -6.64 16.63 -0.06
N SER A 26 -6.34 17.87 0.31
CA SER A 26 -5.70 18.81 -0.61
C SER A 26 -4.18 18.76 -0.57
N ARG A 27 -3.64 18.07 0.43
CA ARG A 27 -2.20 18.03 0.64
C ARG A 27 -1.53 16.67 0.39
N ASN A 28 -2.23 15.58 0.71
CA ASN A 28 -1.62 14.25 0.65
C ASN A 28 -1.99 13.36 -0.55
N SER A 29 -1.12 12.37 -0.78
CA SER A 29 -1.32 11.33 -1.77
C SER A 29 -0.42 10.17 -1.37
N MET A 30 -0.66 8.98 -1.92
CA MET A 30 0.11 7.80 -1.55
C MET A 30 0.23 6.77 -2.67
N CYS A 31 1.15 5.83 -2.49
CA CYS A 31 1.31 4.70 -3.41
C CYS A 31 1.75 3.47 -2.64
N TRP A 32 1.37 2.31 -3.18
CA TRP A 32 1.87 1.03 -2.76
C TRP A 32 2.74 0.51 -3.89
N GLY A 33 3.84 -0.13 -3.52
CA GLY A 33 4.74 -0.74 -4.49
C GLY A 33 5.26 -2.05 -3.96
N LYS A 34 5.74 -2.90 -4.87
CA LYS A 34 6.39 -4.15 -4.50
C LYS A 34 7.89 -3.89 -4.27
N GLY A 35 8.44 -4.48 -3.21
CA GLY A 35 9.83 -4.22 -2.80
C GLY A 35 9.92 -3.06 -1.82
N SER A 36 11.04 -2.97 -1.11
CA SER A 36 11.23 -1.89 -0.13
C SER A 36 11.20 -0.50 -0.77
N CYS A 37 10.77 0.49 0.00
CA CYS A 37 10.68 1.85 -0.51
C CYS A 37 12.02 2.38 -0.99
N PRO A 38 12.06 2.84 -2.25
CA PRO A 38 13.25 3.47 -2.77
C PRO A 38 13.25 4.94 -2.33
N ASN A 39 14.33 5.65 -2.61
CA ASN A 39 14.42 7.07 -2.26
C ASN A 39 13.28 7.92 -2.78
N SER A 40 12.84 7.61 -4.00
CA SER A 40 11.82 8.39 -4.68
C SER A 40 10.71 7.48 -5.21
N LYS A 41 9.47 7.89 -4.98
CA LYS A 41 8.28 7.20 -5.48
C LYS A 41 8.18 5.75 -4.98
N CYS A 42 7.37 4.96 -5.69
CA CYS A 42 7.21 3.54 -5.44
C CYS A 42 7.77 2.78 -6.63
N ASN A 43 8.61 1.79 -6.37
CA ASN A 43 9.01 0.85 -7.42
C ASN A 43 7.89 -0.16 -7.65
N ALA A 44 7.76 -0.62 -8.88
CA ALA A 44 6.77 -1.64 -9.22
C ALA A 44 5.44 -1.30 -8.55
N GLU A 45 4.98 -0.07 -8.81
CA GLU A 45 3.77 0.48 -8.21
C GLU A 45 2.56 -0.43 -8.47
N LEU A 46 1.75 -0.63 -7.44
CA LEU A 46 0.61 -1.51 -7.51
C LEU A 46 -0.68 -0.72 -7.46
N LEU A 47 -0.60 0.50 -6.95
CA LEU A 47 -1.74 1.34 -6.65
C LEU A 47 -1.28 2.71 -6.20
N ARG A 48 -2.01 3.74 -6.65
CA ARG A 48 -1.74 5.12 -6.31
C ARG A 48 -3.05 5.87 -6.08
N THR A 49 -3.06 6.75 -5.09
CA THR A 49 -4.23 7.60 -4.82
C THR A 49 -3.87 9.06 -5.04
N ASP A 50 -4.88 9.93 -5.16
CA ASP A 50 -4.66 11.36 -4.94
C ASP A 50 -5.09 11.67 -3.52
N GLY A 51 -5.77 12.80 -3.32
CA GLY A 51 -6.26 13.17 -2.00
C GLY A 51 -7.50 12.44 -1.51
N THR A 52 -8.34 11.99 -2.46
CA THR A 52 -9.67 11.44 -2.13
C THR A 52 -9.87 9.98 -2.53
N ARG A 53 -9.25 9.55 -3.62
CA ARG A 53 -9.55 8.24 -4.19
C ARG A 53 -8.35 7.59 -4.91
N ILE A 54 -8.48 6.29 -5.20
CA ILE A 54 -7.56 5.57 -6.07
C ILE A 54 -7.63 6.16 -7.47
N ILE A 55 -6.50 6.59 -7.99
CA ILE A 55 -6.44 7.12 -9.36
C ILE A 55 -5.76 6.15 -10.32
N SER A 56 -5.10 5.13 -9.79
CA SER A 56 -4.32 4.22 -10.61
C SER A 56 -4.06 2.92 -9.88
N ARG A 57 -3.94 1.85 -10.65
CA ARG A 57 -3.96 0.51 -10.11
C ARG A 57 -3.33 -0.44 -11.13
N LYS A 58 -2.50 -1.37 -10.67
CA LYS A 58 -1.88 -2.38 -11.53
C LYS A 58 -2.93 -3.34 -12.14
N SER A 59 -3.97 -3.63 -11.37
CA SER A 59 -5.07 -4.53 -11.75
C SER A 59 -6.07 -4.59 -10.60
N THR A 60 -7.24 -5.20 -10.85
CA THR A 60 -8.31 -5.26 -9.86
C THR A 60 -8.01 -6.22 -8.71
N LYS A 61 -6.83 -6.82 -8.73
CA LYS A 61 -6.35 -7.66 -7.64
C LYS A 61 -5.97 -6.80 -6.43
N TYR A 62 -5.76 -5.51 -6.67
CA TYR A 62 -5.33 -4.58 -5.63
C TYR A 62 -6.37 -3.52 -5.36
N THR A 63 -6.68 -3.30 -4.09
CA THR A 63 -7.61 -2.26 -3.74
C THR A 63 -7.40 -1.69 -2.33
N LEU A 64 -8.10 -0.59 -2.06
CA LEU A 64 -8.19 0.03 -0.74
C LEU A 64 -9.65 -0.06 -0.26
N LEU A 65 -9.86 -0.74 0.87
CA LEU A 65 -11.21 -0.93 1.40
C LEU A 65 -11.66 0.23 2.27
N GLY A 66 -10.72 0.91 2.91
CA GLY A 66 -11.00 2.02 3.83
C GLY A 66 -11.23 3.33 3.10
N LYS A 67 -11.32 4.42 3.87
CA LYS A 67 -11.54 5.76 3.33
C LYS A 67 -10.20 6.48 3.14
N VAL A 68 -9.87 6.77 1.88
CA VAL A 68 -8.61 7.43 1.54
C VAL A 68 -8.54 8.83 2.15
N GLN A 69 -9.68 9.52 2.10
CA GLN A 69 -9.85 10.88 2.65
C GLN A 69 -9.41 11.02 4.11
N PHE A 70 -9.51 9.92 4.87
CA PHE A 70 -9.14 9.92 6.28
C PHE A 70 -7.85 9.13 6.54
N GLY A 71 -7.07 8.91 5.49
CA GLY A 71 -5.78 8.25 5.59
C GLY A 71 -5.84 6.77 5.92
N GLU A 72 -6.96 6.15 5.60
CA GLU A 72 -7.12 4.70 5.73
C GLU A 72 -6.69 4.03 4.42
N VAL A 73 -5.39 3.77 4.31
CA VAL A 73 -4.77 3.40 3.04
C VAL A 73 -4.10 2.00 3.06
N SER A 74 -4.62 1.11 3.90
CA SER A 74 -4.19 -0.29 3.93
C SER A 74 -4.53 -0.99 2.62
N LEU A 75 -3.57 -1.75 2.09
CA LEU A 75 -3.74 -2.42 0.80
C LEU A 75 -4.35 -3.80 0.94
N THR A 76 -5.37 -4.07 0.15
CA THR A 76 -5.95 -5.41 0.10
C THR A 76 -5.57 -6.08 -1.20
N ILE A 77 -5.04 -7.28 -1.09
CA ILE A 77 -4.60 -8.07 -2.23
C ILE A 77 -5.50 -9.30 -2.33
N SER A 78 -6.25 -9.41 -3.43
CA SER A 78 -7.12 -10.54 -3.64
C SER A 78 -6.35 -11.81 -3.97
N ASN A 79 -6.93 -12.95 -3.60
CA ASN A 79 -6.54 -14.25 -4.11
C ASN A 79 -5.02 -14.44 -4.20
N THR A 80 -4.37 -14.46 -3.04
CA THR A 80 -2.91 -14.46 -2.99
C THR A 80 -2.29 -15.72 -3.59
N ASN A 81 -1.14 -15.55 -4.24
CA ASN A 81 -0.29 -16.66 -4.66
C ASN A 81 1.14 -16.44 -4.14
N ARG A 82 2.02 -17.42 -4.35
CA ARG A 82 3.38 -17.37 -3.79
C ARG A 82 4.18 -16.15 -4.23
N GLY A 83 3.97 -15.72 -5.47
CA GLY A 83 4.62 -14.54 -6.00
C GLY A 83 4.25 -13.25 -5.29
N ASP A 84 3.17 -13.27 -4.50
CA ASP A 84 2.74 -12.09 -3.75
C ASP A 84 3.53 -11.90 -2.45
N SER A 85 4.27 -12.93 -2.04
CA SER A 85 5.13 -12.86 -0.85
C SER A 85 6.23 -11.82 -0.99
N GLY A 86 6.72 -11.33 0.14
CA GLY A 86 7.87 -10.43 0.17
C GLY A 86 7.56 -9.07 0.75
N VAL A 87 8.48 -8.14 0.55
CA VAL A 87 8.35 -6.76 1.07
C VAL A 87 7.49 -5.90 0.15
N TYR A 88 6.67 -5.05 0.77
CA TYR A 88 5.87 -4.06 0.06
C TYR A 88 6.18 -2.70 0.63
N CYS A 89 6.06 -1.69 -0.22
CA CYS A 89 6.27 -0.33 0.20
C CYS A 89 4.93 0.42 0.24
N CYS A 90 4.60 0.99 1.41
CA CYS A 90 3.54 1.99 1.52
C CYS A 90 4.21 3.34 1.69
N ARG A 91 3.87 4.29 0.81
CA ARG A 91 4.51 5.60 0.83
C ARG A 91 3.49 6.71 0.88
N ILE A 92 3.40 7.38 2.04
CA ILE A 92 2.59 8.59 2.17
C ILE A 92 3.41 9.77 1.67
N GLU A 93 2.91 10.44 0.64
CA GLU A 93 3.59 11.61 0.08
C GLU A 93 3.17 12.88 0.84
N VAL A 94 4.17 13.61 1.34
CA VAL A 94 3.97 14.77 2.19
C VAL A 94 4.58 16.00 1.50
N PRO A 95 3.84 17.14 1.47
CA PRO A 95 4.40 18.34 0.82
C PRO A 95 5.70 18.82 1.50
N GLY A 96 6.64 19.30 0.68
CA GLY A 96 7.97 19.65 1.14
C GLY A 96 8.99 18.62 0.69
N TRP A 97 10.25 18.80 1.11
CA TRP A 97 11.35 17.95 0.62
C TRP A 97 11.90 16.94 1.64
N PHE A 98 12.15 15.73 1.15
CA PHE A 98 12.76 14.63 1.90
C PHE A 98 11.98 14.19 3.15
N ASN A 99 10.66 14.29 3.12
CA ASN A 99 9.84 14.02 4.30
C ASN A 99 8.68 13.02 4.14
N ASP A 100 8.62 12.30 3.01
CA ASP A 100 7.58 11.29 2.80
C ASP A 100 7.67 10.20 3.87
N VAL A 101 6.52 9.77 4.39
CA VAL A 101 6.50 8.68 5.35
C VAL A 101 6.56 7.35 4.60
N LYS A 102 7.71 6.68 4.70
CA LYS A 102 7.96 5.43 4.00
C LYS A 102 7.86 4.30 5.00
N LYS A 103 7.20 3.21 4.61
CA LYS A 103 7.09 2.04 5.48
C LYS A 103 7.13 0.76 4.68
N ASN A 104 7.97 -0.18 5.12
CA ASN A 104 8.07 -1.50 4.52
C ASN A 104 7.28 -2.52 5.31
N VAL A 105 6.52 -3.35 4.60
CA VAL A 105 5.71 -4.40 5.20
C VAL A 105 6.03 -5.72 4.52
N ARG A 106 6.44 -6.70 5.31
CA ARG A 106 6.71 -8.02 4.79
C ARG A 106 5.43 -8.87 4.83
N LEU A 107 5.19 -9.60 3.75
CA LEU A 107 4.06 -10.50 3.67
C LEU A 107 4.55 -11.92 3.52
N GLU A 108 4.21 -12.76 4.48
CA GLU A 108 4.46 -14.20 4.40
C GLU A 108 3.14 -14.92 4.15
N LEU A 109 3.18 -15.97 3.34
CA LEU A 109 1.98 -16.71 2.96
C LEU A 109 2.08 -18.21 3.26
N ARG A 110 1.00 -18.78 3.79
CA ARG A 110 0.99 -20.19 4.20
C ARG A 110 -0.07 -21.00 3.45
N ARG A 111 0.16 -22.31 3.35
CA ARG A 111 -0.80 -23.19 2.68
C ARG A 111 -2.11 -23.36 3.44
N ALA A 112 -3.21 -23.36 2.68
CA ALA A 112 -4.56 -23.52 3.22
C ALA A 112 -4.87 -24.97 3.56
#